data_8BP0
#
_entry.id   8BP0
#
_cell.length_a   35.457
_cell.length_b   42.431
_cell.length_c   152.583
_cell.angle_alpha   90.000
_cell.angle_beta   90.000
_cell.angle_gamma   90.000
#
_symmetry.space_group_name_H-M   'P 21 21 21'
#
loop_
_entity.id
_entity.type
_entity.pdbx_description
1 polymer BHMeHis1.8
2 non-polymer 'TRIETHYLENE GLYCOL'
3 non-polymer 1,2-ETHANEDIOL
4 water water
#
_entity_poly.entity_id   1
_entity_poly.type   'polypeptide(L)'
_entity_poly.pdbx_seq_one_letter_code
;MIRAVFFDSLGTLISVEGAYKI(MHS)VKEMEEVLGDYPLNPRTLWDEFDKLFKEAFSNYAGKPYRPARFILEEVMRKLA
EKYGFKYPGNLQEIGVRMARRYGGLYPEVVEVLKSLKGKYHVGVILNWDTENATAFLDALGIKDLFDSITTSEEAGFAYP
HPRILELALKKAGVKGEKAVYVGDNPVKDAGGSKNLGMTSILLDRKGEKREFWDKADFRVSDLREVIKIVDELNGQGSLE
HHHHHH
;
_entity_poly.pdbx_strand_id   A
#
# COMPACT_ATOMS: atom_id res chain seq x y z
N MET A 1 3.90 19.29 18.78
CA MET A 1 3.94 17.90 19.32
C MET A 1 4.16 16.91 18.19
N ILE A 2 3.40 17.06 17.11
CA ILE A 2 3.45 16.15 15.98
C ILE A 2 4.54 16.60 15.01
N ARG A 3 5.38 15.66 14.59
CA ARG A 3 6.49 15.95 13.68
C ARG A 3 6.51 15.10 12.43
N ALA A 4 5.71 14.05 12.35
CA ALA A 4 5.74 13.15 11.21
C ALA A 4 4.36 12.56 11.01
N VAL A 5 3.97 12.39 9.75
CA VAL A 5 2.72 11.75 9.38
C VAL A 5 3.06 10.60 8.43
N PHE A 6 2.56 9.42 8.74
CA PHE A 6 2.86 8.22 7.97
C PHE A 6 1.59 7.66 7.38
N PHE A 7 1.67 7.24 6.12
CA PHE A 7 0.58 6.59 5.41
C PHE A 7 0.96 5.13 5.16
N ASP A 8 0.17 4.20 5.69
CA ASP A 8 0.46 2.77 5.61
C ASP A 8 -0.41 2.13 4.54
N SER A 9 0.24 1.42 3.61
CA SER A 9 -0.44 0.69 2.55
C SER A 9 -1.07 1.63 1.53
N LEU A 10 -1.22 1.16 0.30
CA LEU A 10 -1.74 1.98 -0.79
C LEU A 10 -3.25 2.20 -0.68
N GLY A 11 -3.95 1.48 0.20
CA GLY A 11 -5.35 1.73 0.42
C GLY A 11 -5.64 3.10 1.00
N THR A 12 -4.65 3.72 1.64
CA THR A 12 -4.80 5.08 2.16
C THR A 12 -4.55 6.14 1.10
N LEU A 13 -4.24 5.75 -0.14
CA LEU A 13 -3.89 6.71 -1.18
C LEU A 13 -4.63 6.41 -2.48
N ILE A 14 -4.87 5.14 -2.78
CA ILE A 14 -5.52 4.71 -4.01
C ILE A 14 -6.91 4.21 -3.68
N SER A 15 -7.87 4.55 -4.56
CA SER A 15 -9.26 4.14 -4.37
C SER A 15 -9.48 2.72 -4.88
N VAL A 16 -10.50 2.07 -4.31
CA VAL A 16 -10.83 0.71 -4.73
C VAL A 16 -11.23 0.67 -6.19
N GLU A 17 -11.89 1.73 -6.68
CA GLU A 17 -12.28 1.77 -8.08
C GLU A 17 -11.07 1.93 -8.98
N GLY A 18 -10.09 2.73 -8.54
CA GLY A 18 -8.88 2.89 -9.33
C GLY A 18 -7.99 1.66 -9.28
N ALA A 19 -7.86 1.07 -8.08
CA ALA A 19 -7.06 -0.14 -7.95
C ALA A 19 -7.60 -1.25 -8.84
N TYR A 20 -8.92 -1.47 -8.79
CA TYR A 20 -9.52 -2.52 -9.60
C TYR A 20 -9.28 -2.29 -11.09
N LYS A 21 -9.28 -1.03 -11.51
CA LYS A 21 -9.04 -0.73 -12.92
C LYS A 21 -7.62 -1.11 -13.32
N ILE A 22 -6.65 -0.75 -12.50
CA ILE A 22 -5.25 -1.07 -12.80
C ILE A 22 -5.09 -2.59 -12.86
N VAL A 24 -7.48 -4.81 -13.57
CA VAL A 24 -8.20 -5.30 -14.73
C VAL A 24 -7.32 -5.09 -15.97
N LYS A 25 -6.84 -3.86 -16.15
CA LYS A 25 -5.97 -3.57 -17.28
C LYS A 25 -4.64 -4.30 -17.17
N GLU A 26 -4.24 -4.72 -15.98
CA GLU A 26 -3.02 -5.51 -15.83
C GLU A 26 -3.17 -6.86 -16.53
N MET A 27 -4.26 -7.58 -16.23
CA MET A 27 -4.47 -8.88 -16.86
C MET A 27 -4.74 -8.73 -18.35
N GLU A 28 -5.36 -7.63 -18.75
CA GLU A 28 -5.59 -7.39 -20.18
C GLU A 28 -4.27 -7.45 -20.94
N GLU A 29 -3.26 -6.73 -20.47
CA GLU A 29 -1.96 -6.74 -21.14
C GLU A 29 -1.31 -8.11 -21.05
N VAL A 30 -1.52 -8.83 -19.96
CA VAL A 30 -0.91 -10.14 -19.79
C VAL A 30 -1.46 -11.13 -20.81
N LEU A 31 -2.79 -11.12 -21.00
CA LEU A 31 -3.41 -12.09 -21.90
C LEU A 31 -3.16 -11.74 -23.36
N GLY A 32 -3.14 -10.46 -23.68
CA GLY A 32 -2.93 -10.06 -25.06
C GLY A 32 -4.04 -10.59 -25.95
N ASP A 33 -3.65 -11.36 -26.97
CA ASP A 33 -4.60 -11.92 -27.91
C ASP A 33 -5.13 -13.28 -27.48
N TYR A 34 -4.61 -13.85 -26.40
CA TYR A 34 -5.03 -15.19 -25.99
C TYR A 34 -6.49 -15.15 -25.52
N PRO A 35 -7.32 -16.13 -25.93
CA PRO A 35 -8.77 -16.06 -25.62
C PRO A 35 -9.10 -16.44 -24.18
N LEU A 36 -8.90 -15.49 -23.28
CA LEU A 36 -9.15 -15.68 -21.86
C LEU A 36 -9.82 -14.43 -21.30
N ASN A 37 -10.67 -14.63 -20.31
CA ASN A 37 -11.39 -13.52 -19.70
C ASN A 37 -10.51 -12.83 -18.67
N PRO A 38 -10.18 -11.55 -18.84
CA PRO A 38 -9.35 -10.87 -17.83
C PRO A 38 -10.01 -10.81 -16.46
N ARG A 39 -11.35 -10.76 -16.40
CA ARG A 39 -12.03 -10.69 -15.12
CA ARG A 39 -12.02 -10.69 -15.12
C ARG A 39 -11.80 -11.95 -14.31
N THR A 40 -11.95 -13.12 -14.96
CA THR A 40 -11.79 -14.38 -14.24
C THR A 40 -10.34 -14.65 -13.88
N LEU A 41 -9.41 -14.37 -14.81
CA LEU A 41 -8.00 -14.56 -14.51
C LEU A 41 -7.57 -13.76 -13.29
N TRP A 42 -8.13 -12.55 -13.13
CA TRP A 42 -7.83 -11.77 -11.93
C TRP A 42 -8.39 -12.43 -10.68
N ASP A 43 -9.58 -13.02 -10.78
CA ASP A 43 -10.18 -13.66 -9.62
C ASP A 43 -9.30 -14.79 -9.09
N GLU A 44 -8.89 -15.70 -9.98
CA GLU A 44 -8.04 -16.80 -9.55
C GLU A 44 -6.67 -16.31 -9.10
N PHE A 45 -6.10 -15.36 -9.83
CA PHE A 45 -4.77 -14.87 -9.48
C PHE A 45 -4.78 -14.19 -8.12
N ASP A 46 -5.69 -13.24 -7.92
CA ASP A 46 -5.79 -12.56 -6.64
C ASP A 46 -6.01 -13.56 -5.51
N LYS A 47 -6.83 -14.59 -5.76
CA LYS A 47 -7.06 -15.61 -4.74
C LYS A 47 -5.77 -16.36 -4.42
N LEU A 48 -5.02 -16.75 -5.46
CA LEU A 48 -3.82 -17.56 -5.25
C LEU A 48 -2.68 -16.74 -4.66
N PHE A 49 -2.48 -15.52 -5.16
CA PHE A 49 -1.40 -14.69 -4.65
C PHE A 49 -1.62 -14.36 -3.18
N LYS A 50 -2.87 -14.14 -2.78
CA LYS A 50 -3.17 -13.90 -1.37
C LYS A 50 -2.76 -15.09 -0.53
N GLU A 51 -3.13 -16.31 -0.96
CA GLU A 51 -2.76 -17.50 -0.21
C GLU A 51 -1.25 -17.59 -0.04
N ALA A 52 -0.50 -17.48 -1.14
CA ALA A 52 0.94 -17.59 -1.06
C ALA A 52 1.54 -16.48 -0.23
N PHE A 53 1.08 -15.24 -0.46
CA PHE A 53 1.66 -14.11 0.25
C PHE A 53 1.35 -14.13 1.74
N SER A 54 0.17 -14.62 2.12
CA SER A 54 -0.21 -14.62 3.52
C SER A 54 0.66 -15.55 4.34
N ASN A 55 1.21 -16.60 3.73
CA ASN A 55 2.05 -17.55 4.45
C ASN A 55 3.36 -16.94 4.93
N TYR A 56 3.68 -15.71 4.54
CA TYR A 56 4.89 -15.03 4.96
C TYR A 56 4.64 -13.93 5.98
N ALA A 57 3.39 -13.72 6.39
CA ALA A 57 3.05 -12.59 7.25
C ALA A 57 3.88 -12.59 8.53
N GLY A 58 4.41 -11.42 8.88
CA GLY A 58 5.21 -11.29 10.09
C GLY A 58 6.43 -12.18 10.14
N LYS A 59 6.89 -12.68 8.99
CA LYS A 59 8.06 -13.55 8.93
C LYS A 59 9.10 -12.93 8.00
N PRO A 60 10.33 -13.44 7.99
CA PRO A 60 11.35 -12.90 7.05
C PRO A 60 10.79 -12.73 5.65
N TYR A 61 11.09 -11.57 5.05
CA TYR A 61 10.42 -11.16 3.83
C TYR A 61 10.97 -11.89 2.61
N ARG A 62 10.07 -12.48 1.83
CA ARG A 62 10.38 -12.96 0.49
C ARG A 62 9.76 -12.01 -0.52
N PRO A 63 10.52 -11.48 -1.47
CA PRO A 63 9.96 -10.48 -2.39
C PRO A 63 8.73 -11.00 -3.11
N ALA A 64 7.78 -10.10 -3.33
CA ALA A 64 6.55 -10.47 -4.03
C ALA A 64 6.79 -10.79 -5.48
N ARG A 65 7.83 -10.18 -6.08
CA ARG A 65 8.13 -10.44 -7.48
C ARG A 65 8.32 -11.94 -7.73
N PHE A 66 8.92 -12.65 -6.77
CA PHE A 66 9.12 -14.08 -6.93
C PHE A 66 7.86 -14.87 -6.61
N ILE A 67 7.01 -14.36 -5.71
CA ILE A 67 5.74 -15.02 -5.42
C ILE A 67 4.75 -14.77 -6.56
N LEU A 68 4.79 -13.58 -7.16
CA LEU A 68 3.91 -13.28 -8.29
C LEU A 68 4.25 -14.18 -9.48
N GLU A 69 5.54 -14.22 -9.84
CA GLU A 69 5.96 -15.01 -11.00
C GLU A 69 5.49 -16.45 -10.88
N GLU A 70 5.63 -17.05 -9.70
CA GLU A 70 5.20 -18.43 -9.51
C GLU A 70 3.71 -18.57 -9.72
N VAL A 71 2.93 -17.68 -9.10
CA VAL A 71 1.47 -17.74 -9.26
C VAL A 71 1.10 -17.55 -10.72
N MET A 72 1.70 -16.55 -11.38
CA MET A 72 1.41 -16.32 -12.78
C MET A 72 1.91 -17.46 -13.65
N ARG A 73 3.10 -17.98 -13.36
CA ARG A 73 3.64 -19.10 -14.14
CA ARG A 73 3.63 -19.09 -14.14
C ARG A 73 2.66 -20.27 -14.13
N LYS A 74 2.08 -20.58 -12.97
CA LYS A 74 1.14 -21.69 -12.89
C LYS A 74 -0.12 -21.41 -13.68
N LEU A 75 -0.58 -20.16 -13.68
CA LEU A 75 -1.78 -19.81 -14.43
C LEU A 75 -1.54 -19.91 -15.92
N ALA A 76 -0.36 -19.48 -16.39
CA ALA A 76 -0.03 -19.63 -17.80
C ALA A 76 -0.10 -21.09 -18.22
N GLU A 77 0.44 -21.98 -17.41
CA GLU A 77 0.32 -23.41 -17.69
C GLU A 77 -1.15 -23.84 -17.73
N LYS A 78 -1.93 -23.40 -16.74
CA LYS A 78 -3.30 -23.86 -16.61
C LYS A 78 -4.13 -23.49 -17.83
N TYR A 79 -4.01 -22.24 -18.28
CA TYR A 79 -4.85 -21.71 -19.34
C TYR A 79 -4.16 -21.65 -20.69
N GLY A 80 -2.84 -21.81 -20.74
CA GLY A 80 -2.15 -21.91 -22.02
C GLY A 80 -1.87 -20.59 -22.69
N PHE A 81 -1.47 -19.57 -21.92
CA PHE A 81 -1.07 -18.29 -22.48
C PHE A 81 0.38 -18.02 -22.10
N LYS A 82 1.08 -17.32 -22.99
CA LYS A 82 2.47 -16.96 -22.73
C LYS A 82 2.54 -15.99 -21.56
N TYR A 83 3.66 -16.06 -20.82
CA TYR A 83 3.86 -15.23 -19.64
C TYR A 83 4.71 -14.02 -20.02
N PRO A 84 4.13 -12.83 -20.21
CA PRO A 84 4.92 -11.66 -20.65
C PRO A 84 5.69 -11.00 -19.51
N GLY A 85 6.65 -11.73 -18.96
CA GLY A 85 7.54 -11.16 -17.97
C GLY A 85 6.85 -10.75 -16.67
N ASN A 86 7.58 -9.95 -15.90
CA ASN A 86 7.13 -9.56 -14.57
C ASN A 86 5.88 -8.71 -14.63
N LEU A 87 4.91 -9.03 -13.77
CA LEU A 87 3.69 -8.24 -13.68
C LEU A 87 3.96 -6.90 -13.00
N GLN A 88 4.98 -6.82 -12.16
CA GLN A 88 5.27 -5.59 -11.42
C GLN A 88 5.46 -4.41 -12.38
N GLU A 89 6.25 -4.62 -13.45
CA GLU A 89 6.51 -3.53 -14.38
C GLU A 89 5.26 -3.19 -15.20
N ILE A 90 4.37 -4.17 -15.40
CA ILE A 90 3.11 -3.89 -16.08
C ILE A 90 2.23 -3.00 -15.21
N GLY A 91 2.21 -3.27 -13.90
CA GLY A 91 1.41 -2.45 -13.01
C GLY A 91 1.85 -0.99 -13.01
N VAL A 92 3.16 -0.76 -12.99
CA VAL A 92 3.67 0.62 -13.03
C VAL A 92 3.18 1.32 -14.29
N ARG A 93 3.13 0.59 -15.41
CA ARG A 93 2.67 1.20 -16.66
C ARG A 93 1.19 1.51 -16.61
N MET A 94 0.39 0.62 -16.03
CA MET A 94 -1.04 0.87 -15.93
C MET A 94 -1.33 2.03 -14.98
N ALA A 95 -0.62 2.09 -13.85
CA ALA A 95 -0.76 3.23 -12.95
C ALA A 95 -0.41 4.53 -13.66
N ARG A 96 0.62 4.49 -14.51
CA ARG A 96 0.96 5.66 -15.33
C ARG A 96 -0.20 6.07 -16.21
N ARG A 97 -0.84 5.10 -16.88
CA ARG A 97 -1.86 5.41 -17.86
C ARG A 97 -3.14 5.89 -17.20
N TYR A 98 -3.59 5.20 -16.15
CA TYR A 98 -4.91 5.42 -15.59
C TYR A 98 -4.92 6.04 -14.20
N GLY A 99 -3.79 6.04 -13.50
CA GLY A 99 -3.80 6.60 -12.16
C GLY A 99 -4.74 5.84 -11.24
N GLY A 100 -5.40 6.58 -10.35
CA GLY A 100 -6.34 5.99 -9.43
C GLY A 100 -6.23 6.51 -8.01
N LEU A 101 -5.51 7.61 -7.83
CA LEU A 101 -5.37 8.20 -6.51
C LEU A 101 -6.67 8.85 -6.07
N TYR A 102 -6.89 8.90 -4.76
CA TYR A 102 -8.03 9.64 -4.26
C TYR A 102 -7.89 11.10 -4.70
N PRO A 103 -8.99 11.79 -5.00
CA PRO A 103 -8.86 13.15 -5.54
C PRO A 103 -8.05 14.11 -4.67
N GLU A 104 -8.02 13.90 -3.35
CA GLU A 104 -7.42 14.88 -2.44
C GLU A 104 -6.01 14.51 -1.99
N VAL A 105 -5.49 13.36 -2.42
CA VAL A 105 -4.17 12.92 -1.98
C VAL A 105 -3.14 14.01 -2.18
N VAL A 106 -2.89 14.38 -3.45
CA VAL A 106 -1.81 15.31 -3.76
C VAL A 106 -1.97 16.61 -2.97
N GLU A 107 -3.21 17.05 -2.79
CA GLU A 107 -3.45 18.25 -1.99
C GLU A 107 -3.02 18.03 -0.54
N VAL A 108 -3.44 16.91 0.05
CA VAL A 108 -3.15 16.66 1.45
C VAL A 108 -1.65 16.46 1.67
N LEU A 109 -1.02 15.63 0.83
CA LEU A 109 0.42 15.41 0.97
C LEU A 109 1.18 16.72 0.82
N LYS A 110 0.75 17.59 -0.10
CA LYS A 110 1.43 18.86 -0.31
C LYS A 110 1.41 19.73 0.93
N SER A 111 0.26 19.80 1.61
CA SER A 111 0.14 20.66 2.78
C SER A 111 0.94 20.09 3.95
N LEU A 112 0.78 18.81 4.23
CA LEU A 112 1.51 18.18 5.33
C LEU A 112 3.01 18.28 5.12
N LYS A 113 3.47 18.08 3.87
CA LYS A 113 4.90 18.03 3.59
C LYS A 113 5.60 19.32 3.99
N GLY A 114 4.89 20.45 3.95
CA GLY A 114 5.49 21.71 4.33
C GLY A 114 5.70 21.87 5.82
N LYS A 115 5.00 21.09 6.63
CA LYS A 115 5.05 21.22 8.08
C LYS A 115 5.58 19.99 8.80
N TYR A 116 5.45 18.79 8.22
CA TYR A 116 5.81 17.57 8.92
C TYR A 116 6.54 16.63 7.97
N HIS A 117 7.19 15.63 8.57
CA HIS A 117 7.77 14.54 7.81
C HIS A 117 6.64 13.64 7.29
N VAL A 118 6.49 13.60 5.97
CA VAL A 118 5.45 12.81 5.31
C VAL A 118 6.12 11.56 4.74
N GLY A 119 5.90 10.42 5.39
CA GLY A 119 6.44 9.16 4.94
C GLY A 119 5.34 8.18 4.55
N VAL A 120 5.69 7.17 3.77
CA VAL A 120 4.76 6.13 3.36
C VAL A 120 5.37 4.78 3.70
N ILE A 121 4.50 3.83 4.04
CA ILE A 121 4.91 2.47 4.39
C ILE A 121 4.14 1.50 3.51
N LEU A 122 4.83 0.49 3.00
CA LEU A 122 4.24 -0.45 2.06
C LEU A 122 4.72 -1.86 2.34
N ASN A 123 3.83 -2.83 2.17
CA ASN A 123 4.16 -4.25 2.29
C ASN A 123 4.49 -4.79 0.89
N TRP A 124 5.62 -4.32 0.36
CA TRP A 124 5.99 -4.61 -1.02
C TRP A 124 7.50 -4.55 -1.16
N ASP A 125 7.97 -4.72 -2.40
CA ASP A 125 9.39 -4.61 -2.69
C ASP A 125 9.78 -3.15 -2.87
N THR A 126 10.99 -2.82 -2.44
CA THR A 126 11.44 -1.42 -2.44
C THR A 126 11.43 -0.83 -3.84
N GLU A 127 12.03 -1.53 -4.80
CA GLU A 127 12.16 -0.98 -6.16
C GLU A 127 10.78 -0.74 -6.78
N ASN A 128 9.94 -1.76 -6.80
CA ASN A 128 8.65 -1.62 -7.47
C ASN A 128 7.76 -0.63 -6.73
N ALA A 129 7.78 -0.64 -5.39
CA ALA A 129 6.97 0.30 -4.64
C ALA A 129 7.30 1.74 -5.01
N THR A 130 8.59 2.06 -5.15
CA THR A 130 8.98 3.40 -5.56
C THR A 130 8.53 3.69 -6.99
N ALA A 131 8.72 2.73 -7.90
CA ALA A 131 8.30 2.93 -9.28
C ALA A 131 6.79 3.16 -9.37
N PHE A 132 6.02 2.48 -8.51
CA PHE A 132 4.58 2.65 -8.52
C PHE A 132 4.19 4.03 -8.00
N LEU A 133 4.87 4.50 -6.95
CA LEU A 133 4.59 5.84 -6.45
C LEU A 133 4.99 6.90 -7.48
N ASP A 134 6.06 6.64 -8.24
CA ASP A 134 6.44 7.57 -9.30
C ASP A 134 5.38 7.61 -10.39
N ALA A 135 4.87 6.44 -10.79
CA ALA A 135 3.83 6.41 -11.81
C ALA A 135 2.60 7.20 -11.36
N LEU A 136 2.27 7.16 -10.08
CA LEU A 136 1.13 7.93 -9.56
C LEU A 136 1.47 9.41 -9.39
N GLY A 137 2.76 9.76 -9.35
CA GLY A 137 3.16 11.15 -9.26
C GLY A 137 3.25 11.68 -7.85
N ILE A 138 3.39 10.82 -6.85
CA ILE A 138 3.46 11.23 -5.46
C ILE A 138 4.75 10.77 -4.79
N LYS A 139 5.67 10.17 -5.56
CA LYS A 139 6.92 9.69 -4.97
C LYS A 139 7.71 10.82 -4.34
N ASP A 140 7.87 11.92 -5.05
CA ASP A 140 8.66 13.04 -4.55
C ASP A 140 7.96 13.83 -3.45
N LEU A 141 6.70 13.51 -3.14
CA LEU A 141 5.99 14.20 -2.07
C LEU A 141 6.30 13.63 -0.69
N PHE A 142 6.87 12.43 -0.62
CA PHE A 142 7.15 11.77 0.65
C PHE A 142 8.59 12.02 1.07
N ASP A 143 8.79 12.23 2.37
CA ASP A 143 10.13 12.40 2.92
C ASP A 143 10.84 11.07 3.15
N SER A 144 10.11 9.96 3.12
CA SER A 144 10.69 8.64 3.35
C SER A 144 9.74 7.59 2.78
N ILE A 145 10.33 6.56 2.18
CA ILE A 145 9.60 5.41 1.68
C ILE A 145 10.17 4.19 2.40
N THR A 146 9.35 3.55 3.22
CA THR A 146 9.74 2.37 4.00
C THR A 146 8.93 1.17 3.53
N THR A 147 9.62 0.06 3.28
CA THR A 147 8.98 -1.13 2.74
C THR A 147 9.37 -2.34 3.57
N SER A 148 8.60 -3.42 3.38
CA SER A 148 8.89 -4.67 4.09
C SER A 148 10.22 -5.26 3.63
N GLU A 149 10.54 -5.16 2.34
CA GLU A 149 11.81 -5.67 1.84
C GLU A 149 12.98 -4.98 2.53
N GLU A 150 12.89 -3.67 2.71
CA GLU A 150 13.98 -2.96 3.36
C GLU A 150 14.09 -3.34 4.83
N ALA A 151 12.96 -3.48 5.51
CA ALA A 151 12.99 -3.85 6.93
C ALA A 151 13.36 -5.31 7.13
N GLY A 152 13.11 -6.17 6.13
CA GLY A 152 13.45 -7.56 6.21
C GLY A 152 12.33 -8.47 6.66
N PHE A 153 11.15 -7.93 6.95
CA PHE A 153 10.01 -8.72 7.41
C PHE A 153 8.75 -8.19 6.76
N ALA A 154 7.79 -9.09 6.55
CA ALA A 154 6.50 -8.74 5.97
C ALA A 154 5.54 -8.25 7.05
N TYR A 155 4.46 -7.62 6.60
CA TYR A 155 3.46 -7.12 7.53
C TYR A 155 2.91 -8.28 8.36
N PRO A 156 2.81 -8.14 9.70
CA PRO A 156 3.23 -7.03 10.55
C PRO A 156 4.57 -7.31 11.23
N HIS A 157 5.34 -6.29 11.55
CA HIS A 157 6.61 -6.48 12.23
C HIS A 157 7.12 -5.13 12.76
N PRO A 158 7.57 -5.05 14.01
CA PRO A 158 7.97 -3.74 14.54
C PRO A 158 9.11 -3.10 13.77
N ARG A 159 9.99 -3.90 13.17
CA ARG A 159 11.14 -3.33 12.46
C ARG A 159 10.70 -2.38 11.35
N ILE A 160 9.53 -2.61 10.77
CA ILE A 160 9.05 -1.73 9.71
C ILE A 160 8.78 -0.33 10.26
N LEU A 161 7.92 -0.25 11.27
CA LEU A 161 7.61 1.05 11.88
C LEU A 161 8.83 1.64 12.55
N GLU A 162 9.59 0.83 13.30
CA GLU A 162 10.79 1.33 13.94
CA GLU A 162 10.80 1.32 13.94
C GLU A 162 11.72 1.98 12.93
N LEU A 163 11.88 1.36 11.75
CA LEU A 163 12.74 1.93 10.73
C LEU A 163 12.13 3.20 10.14
N ALA A 164 10.82 3.19 9.90
CA ALA A 164 10.15 4.39 9.41
C ALA A 164 10.40 5.57 10.34
N LEU A 165 10.20 5.35 11.64
CA LEU A 165 10.45 6.43 12.60
C LEU A 165 11.93 6.79 12.67
N LYS A 166 12.81 5.80 12.52
CA LYS A 166 14.24 6.10 12.50
C LYS A 166 14.59 7.03 11.36
N LYS A 167 13.99 6.83 10.18
CA LYS A 167 14.20 7.73 9.06
C LYS A 167 13.79 9.15 9.41
N ALA A 168 12.64 9.31 10.07
CA ALA A 168 12.18 10.63 10.46
C ALA A 168 12.91 11.19 11.67
N GLY A 169 13.57 10.34 12.45
CA GLY A 169 14.26 10.81 13.64
C GLY A 169 13.33 11.28 14.73
N VAL A 170 12.12 10.72 14.81
CA VAL A 170 11.13 11.11 15.80
C VAL A 170 10.63 9.87 16.51
N LYS A 171 10.11 10.09 17.72
CA LYS A 171 9.47 9.02 18.47
C LYS A 171 8.02 8.85 18.03
N GLY A 172 7.45 7.69 18.35
CA GLY A 172 6.09 7.42 17.94
C GLY A 172 5.08 8.42 18.48
N GLU A 173 5.27 8.85 19.73
CA GLU A 173 4.33 9.78 20.34
C GLU A 173 4.26 11.10 19.57
N LYS A 174 5.29 11.43 18.80
CA LYS A 174 5.30 12.65 17.98
C LYS A 174 5.04 12.35 16.51
N ALA A 175 4.23 11.33 16.22
CA ALA A 175 3.94 10.94 14.85
C ALA A 175 2.49 10.48 14.75
N VAL A 176 1.90 10.67 13.58
CA VAL A 176 0.54 10.25 13.30
C VAL A 176 0.58 9.11 12.29
N TYR A 177 -0.41 8.23 12.38
CA TYR A 177 -0.44 6.98 11.62
C TYR A 177 -1.77 6.88 10.90
N VAL A 178 -1.72 6.91 9.56
CA VAL A 178 -2.92 6.83 8.73
C VAL A 178 -2.95 5.46 8.07
N GLY A 179 -3.99 4.68 8.39
CA GLY A 179 -4.14 3.35 7.82
C GLY A 179 -5.60 3.07 7.52
N ASP A 180 -5.81 2.02 6.72
CA ASP A 180 -7.16 1.62 6.32
C ASP A 180 -7.57 0.25 6.82
N ASN A 181 -6.66 -0.52 7.40
CA ASN A 181 -6.99 -1.83 7.96
C ASN A 181 -6.05 -2.09 9.13
N PRO A 182 -6.53 -1.95 10.37
CA PRO A 182 -5.64 -2.16 11.53
C PRO A 182 -5.08 -3.57 11.66
N VAL A 183 -5.76 -4.59 11.14
CA VAL A 183 -5.29 -5.97 11.27
C VAL A 183 -4.55 -6.44 10.02
N LYS A 184 -4.20 -5.52 9.12
CA LYS A 184 -3.43 -5.87 7.93
C LYS A 184 -2.37 -4.83 7.61
N ASP A 185 -2.01 -3.98 8.56
CA ASP A 185 -1.03 -2.94 8.37
C ASP A 185 0.32 -3.37 8.96
N ALA A 186 1.29 -2.45 8.96
CA ALA A 186 2.65 -2.81 9.37
C ALA A 186 2.71 -3.13 10.86
N GLY A 187 2.15 -2.27 11.69
CA GLY A 187 2.23 -2.45 13.12
C GLY A 187 1.22 -3.40 13.71
N GLY A 188 0.34 -3.98 12.90
CA GLY A 188 -0.72 -4.81 13.44
C GLY A 188 -1.51 -4.04 14.49
N SER A 189 -1.66 -4.65 15.67
CA SER A 189 -2.23 -3.96 16.83
C SER A 189 -1.14 -3.30 17.66
N LYS A 190 -0.17 -2.67 17.00
CA LYS A 190 0.99 -2.06 17.64
C LYS A 190 1.31 -0.76 16.89
N ASN A 191 1.69 0.26 17.65
CA ASN A 191 1.96 1.57 17.05
C ASN A 191 3.22 2.24 17.56
N LEU A 192 3.74 1.89 18.74
CA LEU A 192 4.92 2.51 19.33
C LEU A 192 4.62 3.91 19.85
N GLY A 193 3.38 4.15 20.28
CA GLY A 193 2.97 5.44 20.78
C GLY A 193 2.33 6.36 19.76
N MET A 194 2.04 5.87 18.56
CA MET A 194 1.55 6.72 17.49
C MET A 194 0.06 6.98 17.64
N THR A 195 -0.36 8.15 17.14
CA THR A 195 -1.77 8.52 17.08
C THR A 195 -2.33 8.01 15.76
N SER A 196 -3.25 7.04 15.84
CA SER A 196 -3.74 6.35 14.65
C SER A 196 -4.97 7.04 14.07
N ILE A 197 -5.06 7.01 12.74
CA ILE A 197 -6.22 7.50 12.01
C ILE A 197 -6.67 6.39 11.07
N LEU A 198 -7.92 5.98 11.20
CA LEU A 198 -8.50 4.92 10.37
C LEU A 198 -9.25 5.57 9.22
N LEU A 199 -8.90 5.21 7.99
CA LEU A 199 -9.60 5.70 6.80
C LEU A 199 -10.71 4.72 6.48
N ASP A 200 -11.96 5.16 6.66
CA ASP A 200 -13.15 4.39 6.29
C ASP A 200 -13.90 5.23 5.28
N ARG A 201 -13.55 5.06 4.00
CA ARG A 201 -14.12 5.92 2.96
C ARG A 201 -15.64 5.77 2.86
N LYS A 202 -16.16 4.59 3.18
CA LYS A 202 -17.59 4.32 3.04
C LYS A 202 -18.31 4.19 4.39
N GLY A 203 -17.58 4.22 5.50
CA GLY A 203 -18.21 4.02 6.79
C GLY A 203 -18.69 2.61 7.04
N GLU A 204 -18.02 1.62 6.43
CA GLU A 204 -18.43 0.22 6.51
C GLU A 204 -17.43 -0.64 7.26
N LYS A 205 -16.58 -0.03 8.08
CA LYS A 205 -15.55 -0.76 8.81
C LYS A 205 -15.82 -0.70 10.30
N ARG A 206 -17.06 -0.98 10.71
CA ARG A 206 -17.42 -0.86 12.13
C ARG A 206 -16.54 -1.73 13.01
N GLU A 207 -16.17 -2.92 12.51
CA GLU A 207 -15.34 -3.82 13.31
C GLU A 207 -13.98 -3.22 13.64
N PHE A 208 -13.55 -2.19 12.91
CA PHE A 208 -12.26 -1.56 13.13
C PHE A 208 -12.37 -0.17 13.75
N TRP A 209 -13.59 0.28 14.08
CA TRP A 209 -13.74 1.63 14.61
C TRP A 209 -13.11 1.76 15.99
N ASP A 210 -13.29 0.76 16.85
CA ASP A 210 -12.84 0.86 18.23
C ASP A 210 -11.34 0.66 18.40
N LYS A 211 -10.63 0.26 17.35
CA LYS A 211 -9.18 0.13 17.44
C LYS A 211 -8.50 1.18 16.57
N ALA A 212 -8.81 2.45 16.82
CA ALA A 212 -8.19 3.56 16.12
C ALA A 212 -8.56 4.87 16.81
N ASP A 213 -7.56 5.73 17.06
CA ASP A 213 -7.82 6.96 17.81
C ASP A 213 -8.82 7.86 17.08
N PHE A 214 -8.67 8.00 15.76
CA PHE A 214 -9.54 8.86 14.96
C PHE A 214 -10.04 8.10 13.75
N ARG A 215 -11.14 8.58 13.19
CA ARG A 215 -11.72 8.02 11.98
C ARG A 215 -12.07 9.15 11.02
N VAL A 216 -11.78 8.94 9.74
CA VAL A 216 -12.03 9.95 8.71
C VAL A 216 -12.43 9.22 7.43
N SER A 217 -13.30 9.86 6.66
CA SER A 217 -13.65 9.41 5.32
C SER A 217 -13.03 10.29 4.23
N ASP A 218 -12.50 11.45 4.59
CA ASP A 218 -11.80 12.33 3.66
C ASP A 218 -10.43 12.63 4.25
N LEU A 219 -9.39 12.41 3.45
CA LEU A 219 -8.03 12.56 3.95
C LEU A 219 -7.70 14.00 4.34
N ARG A 220 -8.46 14.98 3.86
CA ARG A 220 -8.21 16.36 4.24
C ARG A 220 -8.42 16.57 5.74
N GLU A 221 -9.21 15.72 6.39
CA GLU A 221 -9.36 15.78 7.84
C GLU A 221 -8.07 15.40 8.56
N VAL A 222 -7.16 14.68 7.89
CA VAL A 222 -5.87 14.38 8.51
C VAL A 222 -5.09 15.65 8.75
N ILE A 223 -5.33 16.70 7.96
CA ILE A 223 -4.67 17.98 8.20
C ILE A 223 -5.16 18.58 9.51
N LYS A 224 -6.48 18.62 9.71
CA LYS A 224 -7.04 19.20 10.92
C LYS A 224 -6.64 18.39 12.15
N ILE A 225 -6.75 17.07 12.07
CA ILE A 225 -6.41 16.23 13.21
C ILE A 225 -4.98 16.48 13.64
N VAL A 226 -4.05 16.50 12.69
CA VAL A 226 -2.65 16.76 13.03
C VAL A 226 -2.50 18.17 13.56
N ASP A 227 -3.23 19.13 12.99
CA ASP A 227 -3.10 20.52 13.41
C ASP A 227 -3.59 20.71 14.85
N GLU A 228 -4.73 20.12 15.19
CA GLU A 228 -5.26 20.27 16.54
C GLU A 228 -4.33 19.61 17.56
N LEU A 229 -3.69 18.51 17.20
CA LEU A 229 -2.81 17.82 18.12
C LEU A 229 -1.57 18.63 18.48
N ASN A 230 -1.36 19.77 17.83
CA ASN A 230 -0.21 20.62 18.14
C ASN A 230 -0.62 21.81 19.01
#